data_1T2T
#
_entry.id   1T2T
#
_cell.length_a   54.660
_cell.length_b   64.890
_cell.length_c   42.810
_cell.angle_alpha   90.00
_cell.angle_beta   90.48
_cell.angle_gamma   90.00
#
_symmetry.space_group_name_H-M   'P 1 21 1'
#
loop_
_entity.id
_entity.type
_entity.pdbx_description
1 polymer "5'-D(*TP*TP*TP*GP*TP*AP*GP*GP*AP*CP*TP*GP*CP*CP*CP*TP*TP*TP*AP*AP*T)-3'"
2 polymer "5'-D(*AP*AP*TP*TP*AP*AP*AP*GP*GP*GP*CP*AP*GP*TP*CP*CP*TP*AP*CP*AP*A)-3'"
3 polymer 'Intron-associated endonuclease 1'
4 non-polymer 'ZINC ION'
5 water water
#
loop_
_entity_poly.entity_id
_entity_poly.type
_entity_poly.pdbx_seq_one_letter_code
_entity_poly.pdbx_strand_id
1 'polydeoxyribonucleotide'
;(DT)(DT)(DT)(DG)(DT)(DA)(DG)(DG)(DA)(DC)(DT)(DG)(DC)(DC)(DC)(DT)(DT)(DT)(DA)(DA)
(DT)
;
B
2 'polydeoxyribonucleotide'
;(DA)(DA)(DT)(DT)(DA)(DA)(DA)(DG)(DG)(DG)(DC)(DA)(DG)(DT)(DC)(DC)(DT)(DA)(DC)(DA)
(DA)
;
C
3 'polypeptide(L)'
;KALYSKPGSKNGRWNPETHKFCKCGVRIQTSAYTCSKCRNRSGENNSFFNHKHSDITKSKISEKMKGKKPSNIKKISCDG
VIFDCAADAARHFKISSGLVTYRVKSDKWNWFYINA
;
A
#
loop_
_chem_comp.id
_chem_comp.type
_chem_comp.name
_chem_comp.formula
DA DNA linking 2'-DEOXYADENOSINE-5'-MONOPHOSPHATE 'C10 H14 N5 O6 P'
DC DNA linking 2'-DEOXYCYTIDINE-5'-MONOPHOSPHATE 'C9 H14 N3 O7 P'
DG DNA linking 2'-DEOXYGUANOSINE-5'-MONOPHOSPHATE 'C10 H14 N5 O7 P'
DT DNA linking THYMIDINE-5'-MONOPHOSPHATE 'C10 H15 N2 O8 P'
ZN non-polymer 'ZINC ION' 'Zn 2'
#
# COMPACT_ATOMS: atom_id res chain seq x y z
N LYS C 20 33.76 -23.98 -1.50
CA LYS C 20 33.96 -22.53 -1.79
C LYS C 20 33.34 -21.66 -0.68
N PHE C 21 33.96 -20.50 -0.44
CA PHE C 21 33.50 -19.58 0.58
C PHE C 21 32.90 -18.32 -0.02
N CYS C 22 31.83 -17.84 0.61
CA CYS C 22 31.13 -16.63 0.19
C CYS C 22 31.85 -15.41 0.80
N LYS C 23 31.59 -14.23 0.26
CA LYS C 23 32.25 -13.03 0.75
C LYS C 23 31.97 -12.80 2.26
N CYS C 24 30.77 -13.20 2.72
CA CYS C 24 30.40 -13.04 4.14
C CYS C 24 31.15 -14.05 5.01
N GLY C 25 31.74 -15.07 4.39
CA GLY C 25 32.46 -16.08 5.12
C GLY C 25 31.91 -17.51 5.05
N VAL C 26 30.57 -17.65 4.97
CA VAL C 26 29.97 -18.98 4.91
C VAL C 26 30.25 -19.70 3.59
N ARG C 27 30.26 -21.03 3.66
CA ARG C 27 30.52 -21.85 2.50
C ARG C 27 29.27 -22.02 1.61
N ILE C 28 29.46 -21.70 0.34
CA ILE C 28 28.42 -21.79 -0.68
C ILE C 28 28.90 -22.77 -1.76
N GLN C 29 27.97 -23.17 -2.64
CA GLN C 29 28.28 -24.07 -3.73
C GLN C 29 29.19 -23.32 -4.71
N THR C 30 30.18 -24.02 -5.26
CA THR C 30 31.12 -23.42 -6.19
C THR C 30 30.41 -22.60 -7.25
N SER C 31 29.21 -23.05 -7.65
CA SER C 31 28.42 -22.37 -8.67
C SER C 31 27.67 -21.14 -8.18
N ALA C 32 27.43 -21.06 -6.87
CA ALA C 32 26.70 -19.94 -6.26
C ALA C 32 27.59 -18.69 -6.23
N TYR C 33 27.07 -17.57 -6.75
CA TYR C 33 27.83 -16.33 -6.77
C TYR C 33 27.88 -15.69 -5.37
N THR C 34 26.95 -16.10 -4.49
CA THR C 34 26.90 -15.57 -3.13
C THR C 34 25.91 -16.41 -2.34
N CYS C 35 25.98 -16.36 -1.02
CA CYS C 35 25.05 -17.14 -0.23
C CYS C 35 23.69 -16.48 -0.45
N SER C 36 22.61 -17.17 -0.09
CA SER C 36 21.28 -16.61 -0.27
C SER C 36 21.11 -15.38 0.60
N LYS C 37 21.86 -15.35 1.70
CA LYS C 37 21.80 -14.25 2.65
C LYS C 37 22.49 -12.99 2.18
N CYS C 38 23.50 -13.13 1.32
CA CYS C 38 24.21 -11.94 0.82
C CYS C 38 23.65 -11.43 -0.51
N ARG C 39 22.86 -12.26 -1.19
CA ARG C 39 22.29 -11.89 -2.48
C ARG C 39 21.62 -10.53 -2.52
N ASN C 40 22.12 -9.66 -3.38
CA ASN C 40 21.56 -8.33 -3.54
C ASN C 40 20.38 -8.48 -4.50
N ARG C 41 19.23 -7.96 -4.10
CA ARG C 41 18.03 -8.03 -4.92
C ARG C 41 17.42 -6.65 -5.09
N SER C 42 18.21 -5.63 -4.81
CA SER C 42 17.78 -4.24 -4.90
C SER C 42 18.19 -3.56 -6.18
N GLY C 43 17.35 -2.66 -6.67
CA GLY C 43 17.65 -1.93 -7.89
C GLY C 43 18.00 -2.86 -9.03
N GLU C 44 19.06 -2.54 -9.75
CA GLU C 44 19.50 -3.33 -10.89
C GLU C 44 19.75 -4.81 -10.59
N ASN C 45 19.82 -5.15 -9.30
CA ASN C 45 20.07 -6.53 -8.88
C ASN C 45 18.84 -7.40 -8.82
N ASN C 46 17.67 -6.79 -8.87
CA ASN C 46 16.44 -7.54 -8.81
C ASN C 46 16.23 -8.30 -10.11
N SER C 47 15.79 -9.54 -10.00
CA SER C 47 15.57 -10.37 -11.17
C SER C 47 14.46 -9.86 -12.11
N PHE C 48 13.69 -8.88 -11.66
CA PHE C 48 12.62 -8.32 -12.47
C PHE C 48 12.87 -6.85 -12.72
N PHE C 49 14.11 -6.43 -12.50
CA PHE C 49 14.49 -5.05 -12.71
C PHE C 49 14.39 -4.72 -14.21
N ASN C 50 13.93 -3.51 -14.50
CA ASN C 50 13.80 -3.03 -15.87
C ASN C 50 12.80 -3.77 -16.76
N HIS C 51 12.03 -4.68 -16.18
CA HIS C 51 11.02 -5.39 -16.93
C HIS C 51 9.74 -4.56 -16.91
N LYS C 52 8.81 -4.89 -17.79
CA LYS C 52 7.52 -4.23 -17.85
C LYS C 52 6.46 -5.31 -17.73
N HIS C 53 5.31 -4.99 -17.13
CA HIS C 53 4.25 -5.97 -17.00
C HIS C 53 3.34 -5.89 -18.20
N SER C 54 2.78 -7.02 -18.58
CA SER C 54 1.86 -7.07 -19.71
C SER C 54 0.48 -6.57 -19.28
N ASP C 55 -0.36 -6.28 -20.27
CA ASP C 55 -1.72 -5.81 -20.02
C ASP C 55 -2.49 -6.92 -19.34
N ILE C 56 -2.05 -8.16 -19.55
CA ILE C 56 -2.69 -9.30 -18.94
C ILE C 56 -2.34 -9.27 -17.44
N THR C 57 -1.05 -9.33 -17.13
CA THR C 57 -0.61 -9.30 -15.75
C THR C 57 -1.23 -8.11 -15.03
N LYS C 58 -1.24 -6.95 -15.67
CA LYS C 58 -1.85 -5.78 -15.07
C LYS C 58 -3.30 -6.05 -14.73
N SER C 59 -4.03 -6.60 -15.69
CA SER C 59 -5.43 -6.92 -15.50
C SER C 59 -5.62 -7.92 -14.35
N LYS C 60 -4.75 -8.92 -14.28
CA LYS C 60 -4.87 -9.90 -13.22
C LYS C 60 -4.78 -9.22 -11.86
N ILE C 61 -3.64 -8.56 -11.62
CA ILE C 61 -3.41 -7.84 -10.39
C ILE C 61 -4.63 -6.98 -10.07
N SER C 62 -5.08 -6.21 -11.07
CA SER C 62 -6.24 -5.35 -10.91
C SER C 62 -7.42 -6.06 -10.25
N GLU C 63 -7.84 -7.17 -10.85
CA GLU C 63 -8.96 -7.95 -10.36
C GLU C 63 -8.84 -8.47 -8.93
N LYS C 64 -7.65 -8.83 -8.52
CA LYS C 64 -7.47 -9.34 -7.17
C LYS C 64 -7.34 -8.24 -6.13
N MET C 65 -7.18 -7.02 -6.59
CA MET C 65 -7.06 -5.92 -5.65
C MET C 65 -8.39 -5.23 -5.45
N LYS C 66 -9.32 -5.51 -6.34
CA LYS C 66 -10.66 -4.92 -6.26
C LYS C 66 -11.38 -5.41 -5.01
N GLY C 67 -11.98 -4.48 -4.28
CA GLY C 67 -12.72 -4.87 -3.09
C GLY C 67 -11.97 -4.72 -1.79
N LYS C 68 -10.66 -4.54 -1.87
CA LYS C 68 -9.84 -4.40 -0.68
C LYS C 68 -9.81 -2.96 -0.20
N LYS C 69 -9.29 -2.79 0.99
CA LYS C 69 -9.13 -1.45 1.55
C LYS C 69 -7.67 -1.34 1.95
N PRO C 70 -7.03 -0.21 1.62
CA PRO C 70 -5.63 0.00 1.97
C PRO C 70 -5.49 0.06 3.47
N SER C 71 -4.26 -0.06 3.96
CA SER C 71 -4.00 -0.03 5.38
C SER C 71 -4.00 1.38 5.92
N ASN C 72 -3.97 2.36 5.01
CA ASN C 72 -3.94 3.77 5.38
C ASN C 72 -5.28 4.48 5.43
N ILE C 73 -6.32 3.79 5.84
CA ILE C 73 -7.62 4.45 5.96
C ILE C 73 -7.68 5.11 7.33
N LYS C 74 -8.72 5.89 7.57
CA LYS C 74 -8.90 6.57 8.85
C LYS C 74 -10.36 6.47 9.27
N LYS C 75 -10.63 5.85 10.41
CA LYS C 75 -12.01 5.77 10.87
C LYS C 75 -12.42 7.20 11.16
N ILE C 76 -13.68 7.51 10.87
CA ILE C 76 -14.16 8.87 11.11
C ILE C 76 -15.53 8.85 11.78
N SER C 77 -15.85 9.93 12.47
CA SER C 77 -17.12 10.08 13.15
C SER C 77 -17.73 11.41 12.72
N CYS C 78 -18.86 11.34 12.01
CA CYS C 78 -19.51 12.55 11.56
C CYS C 78 -20.53 12.91 12.60
N ASP C 79 -20.11 13.76 13.53
CA ASP C 79 -20.97 14.21 14.62
C ASP C 79 -21.81 13.07 15.17
N GLY C 80 -21.23 11.88 15.26
CA GLY C 80 -21.97 10.76 15.80
C GLY C 80 -21.97 9.55 14.91
N VAL C 81 -22.30 9.74 13.64
CA VAL C 81 -22.33 8.63 12.67
C VAL C 81 -20.90 8.28 12.24
N ILE C 82 -20.45 7.06 12.56
CA ILE C 82 -19.10 6.64 12.22
C ILE C 82 -18.98 5.80 10.96
N PHE C 83 -17.82 5.92 10.30
CA PHE C 83 -17.53 5.17 9.08
C PHE C 83 -16.13 4.60 9.13
N ASP C 84 -15.88 3.55 8.35
CA ASP C 84 -14.57 2.92 8.28
C ASP C 84 -13.49 3.81 7.66
N CYS C 85 -13.88 4.67 6.73
CA CYS C 85 -12.93 5.57 6.10
C CYS C 85 -13.63 6.82 5.65
N ALA C 86 -12.84 7.84 5.32
CA ALA C 86 -13.38 9.10 4.86
C ALA C 86 -14.19 8.88 3.58
N ALA C 87 -13.74 7.95 2.74
CA ALA C 87 -14.43 7.68 1.49
C ALA C 87 -15.85 7.20 1.71
N ASP C 88 -16.07 6.42 2.76
CA ASP C 88 -17.41 5.93 3.06
C ASP C 88 -18.21 7.13 3.56
N ALA C 89 -17.60 7.94 4.42
CA ALA C 89 -18.26 9.13 4.90
C ALA C 89 -18.68 9.99 3.71
N ALA C 90 -17.78 10.14 2.74
CA ALA C 90 -18.05 10.95 1.55
C ALA C 90 -19.09 10.31 0.67
N ARG C 91 -18.94 9.03 0.39
CA ARG C 91 -19.94 8.36 -0.43
C ARG C 91 -21.32 8.38 0.24
N HIS C 92 -21.35 8.34 1.56
CA HIS C 92 -22.61 8.38 2.29
C HIS C 92 -23.31 9.73 2.21
N PHE C 93 -22.58 10.80 2.52
CA PHE C 93 -23.15 12.14 2.47
C PHE C 93 -23.24 12.62 1.04
N LYS C 94 -22.55 11.94 0.14
CA LYS C 94 -22.53 12.30 -1.27
C LYS C 94 -21.75 13.59 -1.49
N ILE C 95 -20.49 13.59 -1.07
CA ILE C 95 -19.62 14.74 -1.22
C ILE C 95 -18.26 14.28 -1.70
N SER C 96 -17.43 15.23 -2.12
CA SER C 96 -16.10 14.90 -2.58
C SER C 96 -15.26 14.55 -1.35
N SER C 97 -14.25 13.70 -1.53
CA SER C 97 -13.41 13.30 -0.42
C SER C 97 -12.65 14.49 0.15
N GLY C 98 -12.44 15.50 -0.67
CA GLY C 98 -11.72 16.68 -0.21
C GLY C 98 -12.55 17.51 0.74
N LEU C 99 -13.88 17.44 0.58
CA LEU C 99 -14.78 18.20 1.44
C LEU C 99 -14.78 17.56 2.84
N VAL C 100 -14.54 16.25 2.89
CA VAL C 100 -14.51 15.57 4.17
C VAL C 100 -13.34 16.18 4.93
N THR C 101 -12.21 16.31 4.24
CA THR C 101 -11.02 16.88 4.84
C THR C 101 -11.33 18.27 5.36
N TYR C 102 -12.00 19.04 4.52
CA TYR C 102 -12.38 20.39 4.84
C TYR C 102 -13.14 20.49 6.17
N ARG C 103 -14.19 19.68 6.29
CA ARG C 103 -15.04 19.68 7.46
C ARG C 103 -14.32 19.22 8.72
N VAL C 104 -13.55 18.14 8.60
CA VAL C 104 -12.83 17.59 9.73
C VAL C 104 -11.90 18.65 10.29
N LYS C 105 -11.56 19.63 9.48
CA LYS C 105 -10.68 20.69 9.93
C LYS C 105 -11.48 21.95 10.30
N SER C 106 -12.68 22.08 9.74
CA SER C 106 -13.53 23.23 10.02
C SER C 106 -14.01 23.22 11.46
N ASP C 107 -14.06 24.40 12.07
CA ASP C 107 -14.52 24.51 13.45
C ASP C 107 -16.04 24.56 13.44
N LYS C 108 -16.61 24.54 12.24
CA LYS C 108 -18.06 24.59 12.08
C LYS C 108 -18.69 23.20 12.10
N TRP C 109 -17.86 22.17 12.05
CA TRP C 109 -18.37 20.80 12.06
C TRP C 109 -17.80 19.96 13.20
N ASN C 110 -18.56 18.98 13.65
CA ASN C 110 -18.09 18.09 14.71
C ASN C 110 -17.61 16.81 14.03
N TRP C 111 -16.65 16.95 13.13
CA TRP C 111 -16.11 15.79 12.41
C TRP C 111 -14.65 15.56 12.76
N PHE C 112 -14.38 14.36 13.24
CA PHE C 112 -13.02 14.00 13.63
C PHE C 112 -12.65 12.58 13.26
N TYR C 113 -11.35 12.32 13.17
CA TYR C 113 -10.87 10.98 12.88
C TYR C 113 -10.68 10.21 14.18
N ILE C 114 -11.24 9.01 14.20
CA ILE C 114 -11.19 8.14 15.35
C ILE C 114 -9.84 7.50 15.53
N ASN C 115 -9.38 7.45 16.77
CA ASN C 115 -8.10 6.84 17.06
C ASN C 115 -7.65 5.76 16.08
ZN ZN D . 27.16 -14.60 2.23
#